data_3C7L
#
_entry.id   3C7L
#
_cell.length_a   47.379
_cell.length_b   71.700
_cell.length_c   72.306
_cell.angle_alpha   90.000
_cell.angle_beta   90.000
_cell.angle_gamma   90.000
#
_symmetry.space_group_name_H-M   'P 21 21 21'
#
loop_
_entity.id
_entity.type
_entity.pdbx_description
1 polymer 'Regulator of G-protein signaling 16'
2 water water
#
_entity_poly.entity_id   1
_entity_poly.type   'polypeptide(L)'
_entity_poly.pdbx_seq_one_letter_code
;GSHHHHHHGSFSEDVLGWRESFDLLLNSKNGVAAFHAFLKTEFSEENLEFWLACEEFKKIRSATKLASRAHHIFDEYIRS
EAPKEVNIDHETRELTKTNLQAATTSCFDVAQGKTRTLMEKDSYPRFLKSPAYRDLA
;
_entity_poly.pdbx_strand_id   A,B
#
# COMPACT_ATOMS: atom_id res chain seq x y z
N ASP A 14 -15.48 -3.48 -31.94
CA ASP A 14 -15.01 -2.90 -30.65
C ASP A 14 -14.97 -1.38 -30.73
N VAL A 15 -14.29 -0.86 -31.74
CA VAL A 15 -14.19 0.58 -31.92
C VAL A 15 -15.56 1.18 -32.22
N LEU A 16 -16.44 0.39 -32.85
CA LEU A 16 -17.79 0.83 -33.17
C LEU A 16 -18.54 1.03 -31.86
N GLY A 17 -18.36 0.10 -30.93
CA GLY A 17 -19.04 0.22 -29.65
C GLY A 17 -18.72 1.50 -28.90
N TRP A 18 -17.48 2.00 -29.05
CA TRP A 18 -17.07 3.21 -28.35
C TRP A 18 -17.96 4.41 -28.66
N ARG A 19 -18.50 4.49 -29.88
CA ARG A 19 -19.37 5.62 -30.18
C ARG A 19 -20.84 5.29 -30.01
N GLU A 20 -21.15 4.01 -29.80
CA GLU A 20 -22.55 3.63 -29.56
C GLU A 20 -22.89 3.85 -28.09
N SER A 21 -21.87 3.72 -27.23
CA SER A 21 -22.06 3.88 -25.79
C SER A 21 -20.79 4.24 -25.05
N PHE A 22 -20.86 5.27 -24.21
CA PHE A 22 -19.71 5.69 -23.43
C PHE A 22 -19.29 4.53 -22.49
N ASP A 23 -20.27 3.73 -22.09
CA ASP A 23 -19.99 2.59 -21.22
C ASP A 23 -19.15 1.53 -21.93
N LEU A 24 -19.35 1.37 -23.23
CA LEU A 24 -18.57 0.40 -23.98
C LEU A 24 -17.14 0.91 -24.16
N LEU A 25 -16.98 2.21 -24.35
CA LEU A 25 -15.66 2.79 -24.48
C LEU A 25 -14.87 2.56 -23.18
N LEU A 26 -15.53 2.80 -22.05
CA LEU A 26 -14.94 2.65 -20.73
C LEU A 26 -14.61 1.22 -20.31
N ASN A 27 -15.07 0.24 -21.08
CA ASN A 27 -14.81 -1.16 -20.79
C ASN A 27 -13.79 -1.70 -21.78
N SER A 28 -13.27 -0.83 -22.64
CA SER A 28 -12.31 -1.24 -23.65
C SER A 28 -10.89 -0.87 -23.22
N LYS A 29 -9.96 -1.81 -23.36
CA LYS A 29 -8.58 -1.56 -22.99
C LYS A 29 -7.98 -0.45 -23.86
N ASN A 30 -8.11 -0.60 -25.18
CA ASN A 30 -7.58 0.40 -26.10
C ASN A 30 -8.36 1.70 -26.03
N GLY A 31 -9.68 1.58 -25.86
CA GLY A 31 -10.52 2.76 -25.76
C GLY A 31 -10.13 3.63 -24.57
N VAL A 32 -10.03 3.00 -23.40
CA VAL A 32 -9.65 3.74 -22.20
C VAL A 32 -8.26 4.36 -22.33
N ALA A 33 -7.31 3.60 -22.86
CA ALA A 33 -5.95 4.12 -23.03
C ALA A 33 -5.93 5.33 -23.95
N ALA A 34 -6.65 5.24 -25.06
CA ALA A 34 -6.70 6.35 -26.02
C ALA A 34 -7.40 7.56 -25.42
N PHE A 35 -8.51 7.33 -24.74
CA PHE A 35 -9.27 8.42 -24.14
C PHE A 35 -8.48 9.06 -22.99
N HIS A 36 -7.75 8.26 -22.22
CA HIS A 36 -6.98 8.79 -21.10
C HIS A 36 -5.92 9.77 -21.63
N ALA A 37 -5.24 9.38 -22.71
CA ALA A 37 -4.22 10.23 -23.31
C ALA A 37 -4.83 11.52 -23.84
N PHE A 38 -6.01 11.42 -24.44
CA PHE A 38 -6.69 12.59 -24.98
C PHE A 38 -6.99 13.57 -23.83
N LEU A 39 -7.51 13.03 -22.74
CA LEU A 39 -7.84 13.84 -21.56
C LEU A 39 -6.61 14.46 -20.91
N LYS A 40 -5.51 13.71 -20.84
CA LYS A 40 -4.29 14.20 -20.21
C LYS A 40 -3.73 15.44 -20.91
N THR A 41 -3.87 15.51 -22.23
CA THR A 41 -3.37 16.67 -22.95
C THR A 41 -4.15 17.94 -22.62
N GLU A 42 -5.34 17.80 -22.07
CA GLU A 42 -6.11 18.97 -21.68
C GLU A 42 -6.39 19.00 -20.18
N PHE A 43 -5.51 18.34 -19.44
CA PHE A 43 -5.56 18.27 -17.99
C PHE A 43 -6.89 17.90 -17.35
N SER A 44 -7.55 16.86 -17.84
CA SER A 44 -8.81 16.43 -17.24
C SER A 44 -8.89 14.91 -17.09
N GLU A 45 -7.74 14.24 -17.17
CA GLU A 45 -7.71 12.78 -17.03
C GLU A 45 -8.18 12.31 -15.66
N GLU A 46 -8.17 13.21 -14.67
CA GLU A 46 -8.60 12.86 -13.32
C GLU A 46 -10.08 12.44 -13.33
N ASN A 47 -10.85 12.96 -14.28
CA ASN A 47 -12.27 12.60 -14.37
C ASN A 47 -12.40 11.11 -14.66
N LEU A 48 -11.59 10.62 -15.58
CA LEU A 48 -11.63 9.21 -15.95
C LEU A 48 -11.03 8.33 -14.86
N GLU A 49 -9.95 8.78 -14.23
CA GLU A 49 -9.32 8.00 -13.17
C GLU A 49 -10.27 7.85 -11.99
N PHE A 50 -11.00 8.90 -11.68
CA PHE A 50 -11.96 8.89 -10.59
C PHE A 50 -13.10 7.92 -10.89
N TRP A 51 -13.63 7.99 -12.12
CA TRP A 51 -14.74 7.12 -12.51
C TRP A 51 -14.32 5.66 -12.35
N LEU A 52 -13.16 5.31 -12.89
CA LEU A 52 -12.66 3.93 -12.80
C LEU A 52 -12.42 3.52 -11.35
N ALA A 53 -11.99 4.45 -10.51
CA ALA A 53 -11.74 4.15 -9.10
C ALA A 53 -13.05 3.83 -8.39
N CYS A 54 -14.13 4.49 -8.80
CA CYS A 54 -15.45 4.26 -8.22
C CYS A 54 -15.95 2.87 -8.59
N GLU A 55 -15.66 2.45 -9.82
CA GLU A 55 -16.07 1.14 -10.31
C GLU A 55 -15.42 0.00 -9.54
N GLU A 56 -14.15 0.14 -9.19
CA GLU A 56 -13.48 -0.91 -8.45
C GLU A 56 -13.91 -0.88 -6.98
N PHE A 57 -14.24 0.31 -6.48
CA PHE A 57 -14.67 0.48 -5.09
C PHE A 57 -15.94 -0.30 -4.78
N LYS A 58 -16.91 -0.29 -5.69
CA LYS A 58 -18.16 -0.99 -5.46
C LYS A 58 -18.06 -2.51 -5.46
N LYS A 59 -16.91 -3.04 -5.84
CA LYS A 59 -16.70 -4.48 -5.85
C LYS A 59 -16.18 -4.98 -4.50
N ILE A 60 -15.76 -4.04 -3.64
CA ILE A 60 -15.23 -4.39 -2.32
C ILE A 60 -16.34 -4.82 -1.36
N ARG A 61 -16.14 -5.94 -0.68
CA ARG A 61 -17.15 -6.45 0.26
C ARG A 61 -16.81 -6.16 1.71
N SER A 62 -15.55 -6.39 2.07
CA SER A 62 -15.06 -6.16 3.43
C SER A 62 -15.30 -4.73 3.90
N ALA A 63 -15.87 -4.60 5.09
CA ALA A 63 -16.16 -3.29 5.66
C ALA A 63 -14.89 -2.46 5.90
N THR A 64 -13.82 -3.12 6.34
CA THR A 64 -12.56 -2.42 6.59
C THR A 64 -11.95 -1.88 5.31
N LYS A 65 -11.95 -2.69 4.25
CA LYS A 65 -11.39 -2.24 2.98
C LYS A 65 -12.25 -1.14 2.38
N LEU A 66 -13.57 -1.26 2.51
CA LEU A 66 -14.47 -0.24 1.99
C LEU A 66 -14.13 1.10 2.65
N ALA A 67 -13.98 1.07 3.97
CA ALA A 67 -13.66 2.27 4.73
C ALA A 67 -12.35 2.90 4.26
N SER A 68 -11.32 2.07 4.16
CA SER A 68 -10.00 2.52 3.72
C SER A 68 -10.00 3.09 2.31
N ARG A 69 -10.54 2.33 1.37
CA ARG A 69 -10.60 2.77 -0.02
C ARG A 69 -11.43 4.05 -0.18
N ALA A 70 -12.57 4.11 0.52
CA ALA A 70 -13.44 5.29 0.44
C ALA A 70 -12.69 6.55 0.87
N HIS A 71 -11.89 6.44 1.91
CA HIS A 71 -11.12 7.56 2.42
C HIS A 71 -10.02 7.98 1.44
N HIS A 72 -9.40 7.02 0.78
CA HIS A 72 -8.36 7.32 -0.20
C HIS A 72 -8.98 8.01 -1.42
N ILE A 73 -10.13 7.49 -1.87
CA ILE A 73 -10.80 8.08 -3.02
C ILE A 73 -11.25 9.51 -2.71
N PHE A 74 -11.79 9.71 -1.52
CA PHE A 74 -12.23 11.04 -1.09
C PHE A 74 -11.05 12.02 -1.01
N ASP A 75 -9.96 11.58 -0.39
CA ASP A 75 -8.77 12.42 -0.24
C ASP A 75 -8.05 12.69 -1.54
N GLU A 76 -8.11 11.72 -2.45
CA GLU A 76 -7.42 11.89 -3.72
C GLU A 76 -8.21 12.66 -4.78
N TYR A 77 -9.51 12.45 -4.85
CA TYR A 77 -10.34 13.10 -5.88
C TYR A 77 -11.44 14.07 -5.46
N ILE A 78 -11.97 13.92 -4.24
CA ILE A 78 -13.10 14.76 -3.83
C ILE A 78 -12.86 16.01 -2.99
N ARG A 79 -12.12 15.89 -1.88
CA ARG A 79 -11.91 17.03 -1.01
C ARG A 79 -11.20 18.21 -1.66
N SER A 80 -11.51 19.41 -1.17
CA SER A 80 -10.91 20.62 -1.68
C SER A 80 -9.39 20.53 -1.65
N GLU A 81 -8.76 20.96 -2.74
CA GLU A 81 -7.31 20.95 -2.84
C GLU A 81 -6.70 19.55 -2.94
N ALA A 82 -7.54 18.55 -3.22
CA ALA A 82 -7.02 17.19 -3.35
C ALA A 82 -6.10 17.17 -4.56
N PRO A 83 -5.12 16.25 -4.58
CA PRO A 83 -4.17 16.12 -5.69
C PRO A 83 -4.86 16.07 -7.05
N LYS A 84 -5.89 15.23 -7.15
CA LYS A 84 -6.62 15.07 -8.42
C LYS A 84 -8.07 15.49 -8.29
N GLU A 85 -8.31 16.56 -7.55
CA GLU A 85 -9.66 17.07 -7.33
C GLU A 85 -10.47 17.19 -8.62
N VAL A 86 -11.62 16.54 -8.67
CA VAL A 86 -12.47 16.62 -9.85
C VAL A 86 -13.37 17.86 -9.75
N ASN A 87 -13.76 18.40 -10.90
CA ASN A 87 -14.59 19.61 -10.92
C ASN A 87 -16.05 19.36 -10.54
N ILE A 88 -16.30 19.36 -9.24
CA ILE A 88 -17.62 19.14 -8.68
C ILE A 88 -17.99 20.36 -7.84
N ASP A 89 -19.29 20.67 -7.72
CA ASP A 89 -19.68 21.82 -6.92
C ASP A 89 -19.59 21.49 -5.43
N HIS A 90 -19.69 22.52 -4.59
CA HIS A 90 -19.62 22.30 -3.14
C HIS A 90 -20.74 21.38 -2.66
N GLU A 91 -21.91 21.55 -3.25
CA GLU A 91 -23.08 20.75 -2.90
C GLU A 91 -22.74 19.27 -2.93
N THR A 92 -22.16 18.82 -4.04
CA THR A 92 -21.79 17.43 -4.23
C THR A 92 -20.63 17.01 -3.33
N ARG A 93 -19.68 17.91 -3.10
CA ARG A 93 -18.54 17.59 -2.22
C ARG A 93 -19.02 17.37 -0.80
N GLU A 94 -19.96 18.22 -0.37
CA GLU A 94 -20.51 18.14 0.98
C GLU A 94 -21.34 16.88 1.14
N LEU A 95 -22.10 16.54 0.10
CA LEU A 95 -22.94 15.35 0.10
C LEU A 95 -22.06 14.11 0.23
N THR A 96 -20.98 14.06 -0.55
CA THR A 96 -20.07 12.93 -0.51
C THR A 96 -19.45 12.77 0.87
N LYS A 97 -19.05 13.87 1.49
CA LYS A 97 -18.47 13.84 2.82
C LYS A 97 -19.49 13.30 3.83
N THR A 98 -20.72 13.77 3.70
CA THR A 98 -21.82 13.35 4.59
C THR A 98 -22.05 11.84 4.42
N ASN A 99 -22.01 11.38 3.18
CA ASN A 99 -22.21 9.96 2.91
C ASN A 99 -21.04 9.17 3.47
N LEU A 100 -19.86 9.77 3.43
CA LEU A 100 -18.65 9.15 3.96
C LEU A 100 -18.81 8.99 5.46
N GLN A 101 -19.49 9.95 6.08
CA GLN A 101 -19.72 9.96 7.52
C GLN A 101 -20.66 8.84 7.97
N ALA A 102 -21.57 8.43 7.10
CA ALA A 102 -22.54 7.39 7.44
C ALA A 102 -22.29 6.06 6.74
N ALA A 103 -21.12 5.91 6.14
CA ALA A 103 -20.75 4.68 5.46
C ALA A 103 -21.83 4.03 4.60
N THR A 104 -22.06 4.58 3.42
CA THR A 104 -23.05 4.05 2.49
C THR A 104 -22.29 3.67 1.22
N THR A 105 -22.68 2.55 0.60
CA THR A 105 -22.03 2.05 -0.62
C THR A 105 -22.21 2.96 -1.84
N SER A 106 -23.28 3.75 -1.85
CA SER A 106 -23.52 4.64 -2.98
C SER A 106 -22.91 6.00 -2.67
N CYS A 107 -21.97 5.99 -1.73
CA CYS A 107 -21.26 7.17 -1.27
C CYS A 107 -20.85 8.15 -2.36
N PHE A 108 -20.26 7.61 -3.43
CA PHE A 108 -19.78 8.43 -4.53
C PHE A 108 -20.69 8.56 -5.76
N ASP A 109 -21.89 8.00 -5.69
CA ASP A 109 -22.82 8.04 -6.82
C ASP A 109 -23.03 9.41 -7.48
N VAL A 110 -23.37 10.42 -6.70
CA VAL A 110 -23.62 11.74 -7.27
C VAL A 110 -22.35 12.30 -7.90
N ALA A 111 -21.22 12.18 -7.20
CA ALA A 111 -19.95 12.68 -7.72
C ALA A 111 -19.56 11.97 -9.01
N GLN A 112 -19.70 10.65 -9.04
CA GLN A 112 -19.36 9.87 -10.23
C GLN A 112 -20.24 10.28 -11.42
N GLY A 113 -21.52 10.49 -11.15
CA GLY A 113 -22.44 10.90 -12.20
C GLY A 113 -22.14 12.27 -12.76
N LYS A 114 -21.77 13.21 -11.88
CA LYS A 114 -21.43 14.56 -12.33
C LYS A 114 -20.16 14.50 -13.16
N THR A 115 -19.18 13.72 -12.69
CA THR A 115 -17.91 13.57 -13.38
C THR A 115 -18.12 12.86 -14.71
N ARG A 116 -19.04 11.90 -14.74
CA ARG A 116 -19.33 11.18 -15.98
C ARG A 116 -19.86 12.17 -17.03
N THR A 117 -20.77 13.05 -16.60
CA THR A 117 -21.35 14.03 -17.51
C THR A 117 -20.29 15.03 -17.98
N LEU A 118 -19.32 15.33 -17.12
CA LEU A 118 -18.24 16.23 -17.46
C LEU A 118 -17.54 15.66 -18.71
N MET A 119 -17.46 14.34 -18.78
CA MET A 119 -16.82 13.67 -19.92
C MET A 119 -17.80 13.41 -21.07
N GLU A 120 -18.86 12.67 -20.75
CA GLU A 120 -19.86 12.28 -21.72
C GLU A 120 -20.46 13.41 -22.56
N LYS A 121 -20.62 14.58 -21.97
CA LYS A 121 -21.21 15.69 -22.72
C LYS A 121 -20.23 16.71 -23.27
N ASP A 122 -18.92 16.44 -23.17
CA ASP A 122 -17.93 17.37 -23.67
C ASP A 122 -16.68 16.74 -24.27
N SER A 123 -15.80 16.20 -23.43
CA SER A 123 -14.56 15.61 -23.91
C SER A 123 -14.75 14.30 -24.67
N TYR A 124 -15.79 13.54 -24.34
CA TYR A 124 -16.04 12.27 -25.02
C TYR A 124 -16.37 12.52 -26.50
N PRO A 125 -17.35 13.39 -26.78
CA PRO A 125 -17.68 13.65 -28.18
C PRO A 125 -16.51 14.26 -28.95
N ARG A 126 -15.69 15.08 -28.28
CA ARG A 126 -14.55 15.67 -28.97
C ARG A 126 -13.48 14.61 -29.25
N PHE A 127 -13.39 13.62 -28.36
CA PHE A 127 -12.44 12.53 -28.53
C PHE A 127 -12.79 11.75 -29.79
N LEU A 128 -14.08 11.52 -29.98
CA LEU A 128 -14.56 10.77 -31.13
C LEU A 128 -14.31 11.50 -32.45
N LYS A 129 -14.18 12.81 -32.38
CA LYS A 129 -13.94 13.61 -33.58
C LYS A 129 -12.47 14.01 -33.71
N SER A 130 -11.60 13.31 -33.00
CA SER A 130 -10.16 13.59 -33.04
C SER A 130 -9.43 12.46 -33.76
N PRO A 131 -8.16 12.71 -34.15
CA PRO A 131 -7.41 11.66 -34.83
C PRO A 131 -7.25 10.43 -33.94
N ALA A 132 -7.18 10.65 -32.63
CA ALA A 132 -6.99 9.56 -31.66
C ALA A 132 -8.05 8.47 -31.82
N TYR A 133 -9.25 8.86 -32.23
CA TYR A 133 -10.31 7.88 -32.46
C TYR A 133 -10.47 7.61 -33.94
N ARG A 134 -10.54 8.67 -34.74
CA ARG A 134 -10.72 8.55 -36.19
C ARG A 134 -9.71 7.66 -36.88
N ASP A 135 -8.46 7.67 -36.42
CA ASP A 135 -7.43 6.84 -37.04
C ASP A 135 -7.67 5.36 -36.74
N LEU A 136 -8.31 5.07 -35.62
CA LEU A 136 -8.57 3.70 -35.22
C LEU A 136 -9.87 3.14 -35.80
N ALA A 137 -10.74 4.01 -36.27
CA ALA A 137 -12.01 3.58 -36.84
C ALA A 137 -11.85 2.76 -38.12
N SER B 10 13.82 -26.72 -3.87
CA SER B 10 15.01 -26.34 -4.69
C SER B 10 15.42 -24.91 -4.39
N PHE B 11 16.62 -24.53 -4.81
CA PHE B 11 17.10 -23.19 -4.59
C PHE B 11 16.25 -22.23 -5.42
N SER B 12 15.79 -22.69 -6.59
CA SER B 12 14.94 -21.87 -7.46
C SER B 12 13.65 -21.48 -6.74
N GLU B 13 13.01 -22.47 -6.11
CA GLU B 13 11.77 -22.25 -5.37
C GLU B 13 12.04 -21.30 -4.20
N ASP B 14 13.22 -21.46 -3.61
CA ASP B 14 13.65 -20.66 -2.47
C ASP B 14 13.70 -19.17 -2.84
N VAL B 15 14.44 -18.85 -3.90
CA VAL B 15 14.58 -17.47 -4.35
C VAL B 15 13.24 -16.85 -4.78
N LEU B 16 12.42 -17.62 -5.49
CA LEU B 16 11.11 -17.12 -5.92
C LEU B 16 10.22 -16.81 -4.72
N GLY B 17 10.35 -17.61 -3.67
CA GLY B 17 9.55 -17.41 -2.48
C GLY B 17 9.81 -16.11 -1.73
N TRP B 18 11.01 -15.57 -1.83
CA TRP B 18 11.35 -14.34 -1.12
C TRP B 18 10.49 -13.16 -1.55
N ARG B 19 10.03 -13.17 -2.80
CA ARG B 19 9.19 -12.07 -3.26
C ARG B 19 7.70 -12.37 -3.06
N GLU B 20 7.37 -13.63 -2.78
CA GLU B 20 5.98 -13.99 -2.55
C GLU B 20 5.62 -13.82 -1.07
N SER B 21 6.63 -13.92 -0.20
CA SER B 21 6.43 -13.79 1.23
C SER B 21 7.69 -13.33 1.96
N PHE B 22 7.55 -12.31 2.79
CA PHE B 22 8.69 -11.80 3.53
C PHE B 22 9.18 -12.90 4.49
N ASP B 23 8.24 -13.73 4.96
CA ASP B 23 8.60 -14.81 5.88
C ASP B 23 9.52 -15.84 5.24
N LEU B 24 9.34 -16.10 3.95
CA LEU B 24 10.18 -17.07 3.26
C LEU B 24 11.60 -16.55 3.15
N LEU B 25 11.72 -15.24 2.96
CA LEU B 25 13.04 -14.63 2.88
C LEU B 25 13.70 -14.70 4.25
N LEU B 26 12.93 -14.39 5.28
CA LEU B 26 13.43 -14.39 6.65
C LEU B 26 13.78 -15.76 7.21
N ASN B 27 13.31 -16.82 6.54
CA ASN B 27 13.60 -18.18 6.98
C ASN B 27 14.59 -18.87 6.05
N SER B 28 15.11 -18.13 5.08
CA SER B 28 16.07 -18.68 4.13
C SER B 28 17.51 -18.34 4.51
N LYS B 29 18.39 -19.33 4.44
CA LYS B 29 19.79 -19.10 4.77
C LYS B 29 20.37 -18.06 3.82
N ASN B 30 20.20 -18.29 2.53
CA ASN B 30 20.72 -17.38 1.51
C ASN B 30 19.96 -16.06 1.52
N GLY B 31 18.66 -16.12 1.76
CA GLY B 31 17.86 -14.90 1.80
C GLY B 31 18.27 -13.97 2.92
N VAL B 32 18.46 -14.53 4.12
CA VAL B 32 18.86 -13.73 5.27
C VAL B 32 20.24 -13.14 5.05
N ALA B 33 21.15 -13.95 4.51
CA ALA B 33 22.51 -13.50 4.26
C ALA B 33 22.53 -12.31 3.31
N ALA B 34 21.83 -12.44 2.19
CA ALA B 34 21.80 -11.37 1.19
C ALA B 34 21.12 -10.11 1.72
N PHE B 35 20.03 -10.27 2.44
CA PHE B 35 19.30 -9.12 2.96
C PHE B 35 20.11 -8.39 4.04
N HIS B 36 20.80 -9.14 4.90
CA HIS B 36 21.59 -8.53 5.95
C HIS B 36 22.69 -7.65 5.34
N ALA B 37 23.32 -8.15 4.28
CA ALA B 37 24.39 -7.42 3.60
C ALA B 37 23.84 -6.16 2.99
N PHE B 38 22.64 -6.25 2.42
CA PHE B 38 22.01 -5.11 1.78
C PHE B 38 21.71 -4.03 2.83
N LEU B 39 21.16 -4.45 3.97
CA LEU B 39 20.81 -3.50 5.02
C LEU B 39 22.04 -2.89 5.66
N LYS B 40 23.11 -3.66 5.76
CA LYS B 40 24.34 -3.20 6.36
C LYS B 40 24.90 -1.99 5.60
N THR B 41 24.84 -2.05 4.28
CA THR B 41 25.34 -0.96 3.47
C THR B 41 24.61 0.36 3.75
N GLU B 42 23.37 0.27 4.22
CA GLU B 42 22.61 1.48 4.53
C GLU B 42 22.33 1.64 6.04
N PHE B 43 23.20 1.06 6.85
CA PHE B 43 23.12 1.13 8.31
C PHE B 43 21.73 0.88 8.91
N SER B 44 21.11 -0.23 8.54
CA SER B 44 19.79 -0.54 9.10
C SER B 44 19.64 -2.05 9.32
N GLU B 45 20.77 -2.76 9.38
CA GLU B 45 20.74 -4.21 9.57
C GLU B 45 20.27 -4.61 10.96
N GLU B 46 20.23 -3.67 11.89
CA GLU B 46 19.77 -3.98 13.24
C GLU B 46 18.28 -4.32 13.22
N ASN B 47 17.56 -3.86 12.20
CA ASN B 47 16.14 -4.16 12.10
C ASN B 47 15.98 -5.68 11.90
N LEU B 48 16.79 -6.22 11.01
CA LEU B 48 16.77 -7.65 10.72
C LEU B 48 17.29 -8.47 11.91
N GLU B 49 18.36 -7.98 12.53
CA GLU B 49 18.94 -8.69 13.67
C GLU B 49 17.95 -8.73 14.84
N PHE B 50 17.23 -7.65 15.05
CA PHE B 50 16.24 -7.60 16.12
C PHE B 50 15.08 -8.57 15.83
N TRP B 51 14.60 -8.58 14.58
CA TRP B 51 13.51 -9.47 14.20
C TRP B 51 13.92 -10.93 14.43
N LEU B 52 15.12 -11.26 13.98
CA LEU B 52 15.64 -12.61 14.14
C LEU B 52 15.82 -12.96 15.61
N ALA B 53 16.26 -11.99 16.41
CA ALA B 53 16.46 -12.24 17.83
C ALA B 53 15.12 -12.57 18.49
N CYS B 54 14.07 -11.87 18.10
CA CYS B 54 12.75 -12.11 18.67
C CYS B 54 12.22 -13.49 18.29
N GLU B 55 12.39 -13.86 17.04
CA GLU B 55 11.92 -15.17 16.55
C GLU B 55 12.57 -16.30 17.35
N GLU B 56 13.84 -16.14 17.71
CA GLU B 56 14.54 -17.17 18.49
C GLU B 56 14.14 -17.08 19.96
N PHE B 57 13.85 -15.86 20.42
CA PHE B 57 13.44 -15.64 21.80
C PHE B 57 12.17 -16.41 22.14
N LYS B 58 11.22 -16.41 21.20
CA LYS B 58 9.94 -17.07 21.40
C LYS B 58 10.01 -18.59 21.54
N LYS B 59 11.13 -19.17 21.12
CA LYS B 59 11.31 -20.62 21.20
C LYS B 59 11.76 -21.10 22.58
N ILE B 60 12.31 -20.18 23.37
CA ILE B 60 12.79 -20.52 24.71
C ILE B 60 11.65 -20.96 25.63
N ARG B 61 11.83 -22.08 26.32
CA ARG B 61 10.80 -22.59 27.23
C ARG B 61 11.07 -22.19 28.68
N SER B 62 12.32 -22.25 29.10
CA SER B 62 12.71 -21.91 30.46
C SER B 62 12.41 -20.46 30.82
N ALA B 63 11.68 -20.27 31.92
CA ALA B 63 11.34 -18.94 32.39
C ALA B 63 12.63 -18.19 32.72
N THR B 64 13.59 -18.92 33.27
CA THR B 64 14.89 -18.35 33.63
C THR B 64 15.60 -17.76 32.42
N LYS B 65 15.71 -18.56 31.36
CA LYS B 65 16.37 -18.14 30.13
C LYS B 65 15.59 -17.05 29.40
N LEU B 66 14.26 -17.11 29.48
CA LEU B 66 13.42 -16.10 28.85
C LEU B 66 13.71 -14.74 29.48
N ALA B 67 13.90 -14.73 30.80
CA ALA B 67 14.16 -13.50 31.53
C ALA B 67 15.52 -12.93 31.16
N SER B 68 16.54 -13.77 31.12
CA SER B 68 17.88 -13.31 30.79
C SER B 68 17.96 -12.85 29.34
N ARG B 69 17.36 -13.62 28.44
CA ARG B 69 17.37 -13.26 27.02
C ARG B 69 16.56 -11.99 26.80
N ALA B 70 15.45 -11.86 27.53
CA ALA B 70 14.58 -10.69 27.42
C ALA B 70 15.35 -9.42 27.75
N HIS B 71 16.09 -9.43 28.85
CA HIS B 71 16.86 -8.27 29.28
C HIS B 71 17.95 -7.90 28.28
N HIS B 72 18.57 -8.90 27.69
CA HIS B 72 19.62 -8.68 26.71
C HIS B 72 19.04 -8.05 25.44
N ILE B 73 17.93 -8.59 24.97
CA ILE B 73 17.29 -8.07 23.78
C ILE B 73 16.84 -6.63 24.01
N PHE B 74 16.21 -6.38 25.16
CA PHE B 74 15.76 -5.03 25.49
C PHE B 74 16.92 -4.06 25.54
N ASP B 75 17.99 -4.43 26.22
CA ASP B 75 19.13 -3.54 26.35
C ASP B 75 19.91 -3.38 25.06
N GLU B 76 19.81 -4.36 24.17
CA GLU B 76 20.53 -4.26 22.92
C GLU B 76 19.79 -3.53 21.80
N TYR B 77 18.47 -3.72 21.71
CA TYR B 77 17.70 -3.10 20.64
C TYR B 77 16.56 -2.17 21.03
N ILE B 78 16.08 -2.24 22.26
CA ILE B 78 14.93 -1.41 22.64
C ILE B 78 15.20 -0.16 23.46
N ARG B 79 15.92 -0.31 24.56
CA ARG B 79 16.23 0.81 25.45
C ARG B 79 16.76 2.01 24.69
N SER B 80 16.34 3.21 25.10
CA SER B 80 16.81 4.42 24.44
C SER B 80 18.33 4.43 24.56
N GLU B 81 19.00 4.75 23.45
CA GLU B 81 20.46 4.80 23.39
C GLU B 81 21.13 3.43 23.39
N ALA B 82 20.33 2.39 23.14
CA ALA B 82 20.85 1.02 23.07
C ALA B 82 21.80 0.95 21.88
N PRO B 83 22.80 0.05 21.93
CA PRO B 83 23.79 -0.13 20.87
C PRO B 83 23.18 -0.26 19.48
N LYS B 84 22.13 -1.08 19.38
CA LYS B 84 21.45 -1.29 18.11
C LYS B 84 19.98 -0.90 18.20
N GLU B 85 19.74 0.23 18.87
CA GLU B 85 18.39 0.76 19.06
C GLU B 85 17.59 0.78 17.76
N VAL B 86 16.47 0.08 17.74
CA VAL B 86 15.62 0.06 16.55
C VAL B 86 14.69 1.25 16.61
N ASN B 87 14.29 1.75 15.46
CA ASN B 87 13.40 2.90 15.42
C ASN B 87 11.93 2.52 15.62
N ILE B 88 11.46 2.69 16.85
CA ILE B 88 10.07 2.42 17.23
C ILE B 88 9.67 3.63 18.05
N ASP B 89 8.38 3.91 18.14
CA ASP B 89 7.93 5.07 18.90
C ASP B 89 7.97 4.88 20.41
N HIS B 90 7.90 6.00 21.13
CA HIS B 90 7.93 6.02 22.58
C HIS B 90 6.93 5.06 23.22
N GLU B 91 5.71 5.07 22.73
CA GLU B 91 4.66 4.20 23.26
C GLU B 91 5.03 2.73 23.18
N THR B 92 5.58 2.32 22.03
CA THR B 92 5.96 0.93 21.84
C THR B 92 7.12 0.54 22.76
N ARG B 93 8.09 1.44 22.91
CA ARG B 93 9.22 1.17 23.78
C ARG B 93 8.78 1.02 25.23
N GLU B 94 7.84 1.85 25.67
CA GLU B 94 7.36 1.78 27.05
C GLU B 94 6.54 0.52 27.30
N LEU B 95 5.76 0.11 26.31
CA LEU B 95 4.95 -1.11 26.44
C LEU B 95 5.89 -2.29 26.61
N THR B 96 6.97 -2.30 25.85
CA THR B 96 7.95 -3.38 25.91
C THR B 96 8.64 -3.41 27.26
N LYS B 97 8.94 -2.23 27.81
CA LYS B 97 9.57 -2.11 29.11
C LYS B 97 8.64 -2.69 30.16
N THR B 98 7.37 -2.38 30.06
CA THR B 98 6.39 -2.89 31.01
C THR B 98 6.33 -4.41 30.92
N ASN B 99 6.31 -4.93 29.70
CA ASN B 99 6.25 -6.37 29.48
C ASN B 99 7.48 -7.06 30.02
N LEU B 100 8.60 -6.35 29.97
CA LEU B 100 9.87 -6.88 30.42
C LEU B 100 9.84 -7.39 31.87
N GLN B 101 9.00 -6.78 32.71
CA GLN B 101 8.93 -7.23 34.09
C GLN B 101 8.28 -8.61 34.22
N ALA B 102 7.57 -9.02 33.17
CA ALA B 102 6.92 -10.34 33.15
C ALA B 102 7.80 -11.29 32.32
N ALA B 103 8.42 -10.73 31.28
CA ALA B 103 9.30 -11.49 30.40
C ALA B 103 8.69 -12.79 29.85
N THR B 104 7.51 -12.68 29.23
CA THR B 104 6.87 -13.86 28.66
C THR B 104 7.09 -13.90 27.17
N THR B 105 6.58 -14.95 26.53
CA THR B 105 6.74 -15.17 25.09
C THR B 105 6.40 -14.00 24.16
N SER B 106 5.35 -13.24 24.47
CA SER B 106 4.95 -12.15 23.57
C SER B 106 5.53 -10.80 23.96
N CYS B 107 6.51 -10.81 24.86
CA CYS B 107 7.16 -9.60 25.35
C CYS B 107 7.49 -8.55 24.29
N PHE B 108 8.06 -8.99 23.17
CA PHE B 108 8.47 -8.10 22.08
C PHE B 108 7.57 -8.12 20.84
N ASP B 109 6.40 -8.75 20.92
CA ASP B 109 5.52 -8.85 19.76
C ASP B 109 5.19 -7.55 19.06
N VAL B 110 4.80 -6.52 19.81
CA VAL B 110 4.46 -5.25 19.18
C VAL B 110 5.69 -4.61 18.54
N ALA B 111 6.78 -4.54 19.28
CA ALA B 111 8.01 -3.94 18.78
C ALA B 111 8.53 -4.66 17.53
N GLN B 112 8.50 -5.99 17.56
CA GLN B 112 8.95 -6.78 16.40
C GLN B 112 8.04 -6.49 15.22
N GLY B 113 6.74 -6.33 15.49
CA GLY B 113 5.77 -6.04 14.45
C GLY B 113 6.03 -4.68 13.81
N LYS B 114 6.40 -3.70 14.63
CA LYS B 114 6.68 -2.35 14.13
C LYS B 114 7.93 -2.43 13.25
N THR B 115 8.94 -3.15 13.72
CA THR B 115 10.17 -3.30 12.98
C THR B 115 9.95 -4.04 11.67
N ARG B 116 9.05 -5.03 11.69
CA ARG B 116 8.77 -5.76 10.45
C ARG B 116 8.15 -4.82 9.42
N THR B 117 7.16 -4.04 9.84
CA THR B 117 6.47 -3.10 8.98
C THR B 117 7.46 -2.09 8.41
N LEU B 118 8.37 -1.63 9.25
CA LEU B 118 9.40 -0.68 8.83
C LEU B 118 10.15 -1.25 7.63
N MET B 119 10.55 -2.52 7.71
CA MET B 119 11.27 -3.17 6.62
C MET B 119 10.38 -3.43 5.41
N GLU B 120 9.17 -3.94 5.65
CA GLU B 120 8.24 -4.22 4.57
C GLU B 120 7.87 -3.01 3.72
N LYS B 121 7.76 -1.86 4.36
CA LYS B 121 7.39 -0.64 3.64
C LYS B 121 8.53 0.05 2.92
N ASP B 122 9.76 -0.39 3.18
CA ASP B 122 10.90 0.28 2.54
C ASP B 122 12.05 -0.60 2.05
N SER B 123 12.91 -1.04 2.98
CA SER B 123 14.09 -1.83 2.61
C SER B 123 13.83 -3.17 1.93
N TYR B 124 12.77 -3.85 2.33
CA TYR B 124 12.45 -5.15 1.74
C TYR B 124 12.17 -5.02 0.25
N PRO B 125 11.23 -4.14 -0.13
CA PRO B 125 10.95 -4.00 -1.56
C PRO B 125 12.17 -3.51 -2.34
N ARG B 126 12.98 -2.65 -1.74
CA ARG B 126 14.16 -2.14 -2.41
C ARG B 126 15.21 -3.24 -2.58
N PHE B 127 15.25 -4.17 -1.63
CA PHE B 127 16.19 -5.28 -1.72
C PHE B 127 15.81 -6.12 -2.94
N LEU B 128 14.50 -6.39 -3.08
CA LEU B 128 14.03 -7.18 -4.21
C LEU B 128 14.41 -6.55 -5.55
N LYS B 129 14.70 -5.26 -5.53
CA LYS B 129 15.07 -4.56 -6.75
C LYS B 129 16.57 -4.31 -6.91
N SER B 130 17.37 -4.84 -6.00
CA SER B 130 18.83 -4.67 -6.08
C SER B 130 19.47 -5.88 -6.75
N PRO B 131 20.74 -5.75 -7.17
CA PRO B 131 21.44 -6.86 -7.82
C PRO B 131 21.49 -8.05 -6.86
N ALA B 132 21.52 -7.73 -5.58
CA ALA B 132 21.57 -8.75 -4.52
C ALA B 132 20.49 -9.79 -4.71
N TYR B 133 19.33 -9.37 -5.22
CA TYR B 133 18.24 -10.31 -5.45
C TYR B 133 18.08 -10.68 -6.91
N ARG B 134 18.07 -9.67 -7.78
CA ARG B 134 17.90 -9.91 -9.20
C ARG B 134 18.89 -10.89 -9.82
N ASP B 135 20.13 -10.87 -9.35
CA ASP B 135 21.13 -11.78 -9.89
C ASP B 135 20.85 -13.23 -9.53
N LEU B 136 20.07 -13.46 -8.47
CA LEU B 136 19.74 -14.81 -8.03
C LEU B 136 18.52 -15.37 -8.73
N ALA B 137 17.76 -14.49 -9.38
CA ALA B 137 16.56 -14.88 -10.11
C ALA B 137 16.89 -15.86 -11.24
#